data_4POH
#
_entry.id   4POH
#
_cell.length_a   66.250
_cell.length_b   66.250
_cell.length_c   110.670
_cell.angle_alpha   90.00
_cell.angle_beta   90.00
_cell.angle_gamma   90.00
#
_symmetry.space_group_name_H-M   'P 43 21 2'
#
loop_
_entity.id
_entity.type
_entity.pdbx_description
1 polymer 'Retinoic acid receptor RXR-alpha'
2 polymer 'Nuclear receptor coactivator 2'
3 non-polymer '(2E,4E,6Z,8E)-3,7-dimethyl-8-(8-methyl-3,4-dihydronaphthalen-1(2H)-ylidene)octa-2,4,6-trienoic acid'
4 water water
#
loop_
_entity_poly.entity_id
_entity_poly.type
_entity_poly.pdbx_seq_one_letter_code
_entity_poly.pdbx_strand_id
1 'polypeptide(L)'
;EDMPVERILEAELAVEPKTETYVEANMGLNPSSPNDPVTNICQAADKQLFTLVEWAKRIPHFSELPLDDQVILLRAGWNE
LLIASFSHRSIAVKDGILLATGLHVHRNSAHSAGVGAIFDRVLTELVSKMRDMQMDKTELGCLRAIVLFNPDSKGLSNPA
EVEALREKVYASLEAYCKHKYPEQPGRFAKLLLRLPALRSIGLKCLEHLFFFKLIGDTPIDTFLMEMLEAP
;
A
2 'polypeptide(L)' KHKILHRLLQDSS B
#
# COMPACT_ATOMS: atom_id res chain seq x y z
N GLU A 1 -20.60 -3.87 9.02
CA GLU A 1 -21.53 -4.92 8.51
C GLU A 1 -21.18 -5.33 7.09
N ASP A 2 -21.04 -6.63 6.88
CA ASP A 2 -20.70 -7.20 5.57
C ASP A 2 -19.28 -6.82 5.17
N MET A 3 -18.33 -7.07 6.05
CA MET A 3 -16.92 -6.78 5.77
C MET A 3 -16.09 -7.99 6.22
N PRO A 4 -16.39 -9.17 5.67
CA PRO A 4 -15.69 -10.41 6.00
C PRO A 4 -14.23 -10.39 5.63
N VAL A 5 -13.38 -10.82 6.56
CA VAL A 5 -11.95 -10.87 6.35
C VAL A 5 -11.55 -11.87 5.27
N GLU A 6 -12.42 -12.84 5.02
CA GLU A 6 -12.13 -13.86 4.00
C GLU A 6 -12.06 -13.21 2.62
N ARG A 7 -12.93 -12.24 2.38
CA ARG A 7 -12.98 -11.52 1.11
C ARG A 7 -11.73 -10.66 0.95
N ILE A 8 -11.26 -10.11 2.06
CA ILE A 8 -10.06 -9.28 2.06
C ILE A 8 -8.83 -10.12 1.73
N LEU A 9 -8.73 -11.30 2.32
CA LEU A 9 -7.60 -12.18 2.06
C LEU A 9 -7.60 -12.60 0.60
N GLU A 10 -8.79 -12.85 0.05
CA GLU A 10 -8.93 -13.26 -1.35
C GLU A 10 -8.37 -12.20 -2.28
N ALA A 11 -8.68 -10.93 -2.01
CA ALA A 11 -8.18 -9.84 -2.83
C ALA A 11 -6.64 -9.89 -2.87
N GLU A 12 -6.02 -10.17 -1.72
CA GLU A 12 -4.57 -10.27 -1.61
C GLU A 12 -4.04 -11.45 -2.41
N LEU A 13 -4.63 -12.62 -2.20
CA LEU A 13 -4.21 -13.83 -2.93
C LEU A 13 -4.47 -13.71 -4.42
N ALA A 14 -5.45 -12.88 -4.78
CA ALA A 14 -5.78 -12.70 -6.19
C ALA A 14 -4.74 -11.87 -6.96
N VAL A 15 -4.11 -10.91 -6.28
CA VAL A 15 -3.12 -10.05 -6.91
C VAL A 15 -1.68 -10.47 -6.64
N GLU A 16 -1.47 -11.19 -5.54
CA GLU A 16 -0.15 -11.66 -5.16
C GLU A 16 0.11 -13.03 -5.78
N PRO A 17 1.09 -13.11 -6.70
CA PRO A 17 1.44 -14.37 -7.37
C PRO A 17 2.45 -15.19 -6.57
N ASN A 35 19.98 -1.09 -14.63
CA ASN A 35 20.77 -1.50 -13.47
C ASN A 35 20.56 -0.62 -12.25
N ASP A 36 20.16 0.63 -12.47
CA ASP A 36 19.92 1.57 -11.37
C ASP A 36 18.76 1.03 -10.54
N PRO A 37 19.03 0.67 -9.28
CA PRO A 37 18.00 0.13 -8.39
C PRO A 37 16.76 1.05 -8.31
N VAL A 38 16.97 2.36 -8.43
CA VAL A 38 15.88 3.31 -8.39
C VAL A 38 14.96 3.17 -9.62
N THR A 39 15.57 2.93 -10.78
CA THR A 39 14.79 2.76 -12.00
C THR A 39 13.91 1.52 -11.89
N ASN A 40 14.48 0.44 -11.35
CA ASN A 40 13.74 -0.82 -11.19
C ASN A 40 12.58 -0.64 -10.23
N ILE A 41 12.79 0.15 -9.19
CA ILE A 41 11.73 0.41 -8.22
C ILE A 41 10.58 1.19 -8.88
N CYS A 42 10.89 2.21 -9.67
CA CYS A 42 9.87 3.02 -10.36
C CYS A 42 9.07 2.20 -11.34
N GLN A 43 9.71 1.24 -11.98
CA GLN A 43 9.02 0.41 -12.93
C GLN A 43 8.07 -0.54 -12.20
N ALA A 44 8.53 -1.08 -11.07
CA ALA A 44 7.75 -2.00 -10.28
C ALA A 44 6.50 -1.29 -9.75
N ALA A 45 6.67 -0.03 -9.36
CA ALA A 45 5.58 0.80 -8.85
C ALA A 45 4.51 1.01 -9.89
N ASP A 46 4.92 1.30 -11.13
CA ASP A 46 3.97 1.51 -12.22
C ASP A 46 3.22 0.19 -12.49
N LYS A 47 3.96 -0.90 -12.60
CA LYS A 47 3.39 -2.22 -12.83
C LYS A 47 2.34 -2.53 -11.75
N GLN A 48 2.68 -2.20 -10.51
CA GLN A 48 1.75 -2.51 -9.43
C GLN A 48 0.54 -1.63 -9.34
N LEU A 49 0.61 -0.46 -9.94
CA LEU A 49 -0.52 0.46 -9.91
C LEU A 49 -1.75 -0.14 -10.59
N PHE A 50 -1.55 -0.93 -11.64
CA PHE A 50 -2.68 -1.56 -12.32
C PHE A 50 -3.27 -2.65 -11.45
N THR A 51 -2.38 -3.41 -10.82
CA THR A 51 -2.77 -4.50 -9.94
C THR A 51 -3.45 -3.93 -8.70
N LEU A 52 -3.12 -2.68 -8.35
CA LEU A 52 -3.72 -2.06 -7.17
C LEU A 52 -5.21 -1.79 -7.37
N VAL A 53 -5.57 -1.36 -8.57
CA VAL A 53 -6.96 -1.08 -8.90
C VAL A 53 -7.80 -2.34 -8.82
N GLU A 54 -7.29 -3.44 -9.40
CA GLU A 54 -8.03 -4.70 -9.38
C GLU A 54 -8.18 -5.15 -7.95
N TRP A 55 -7.12 -5.00 -7.17
CA TRP A 55 -7.15 -5.37 -5.76
C TRP A 55 -8.26 -4.61 -5.05
N ALA A 56 -8.35 -3.32 -5.33
CA ALA A 56 -9.32 -2.45 -4.70
C ALA A 56 -10.74 -2.86 -5.03
N LYS A 57 -10.98 -3.13 -6.31
CA LYS A 57 -12.29 -3.56 -6.76
C LYS A 57 -12.74 -4.80 -6.00
N ARG A 58 -11.77 -5.62 -5.58
CA ARG A 58 -12.06 -6.85 -4.85
C ARG A 58 -12.33 -6.60 -3.36
N ILE A 59 -12.14 -5.36 -2.93
CA ILE A 59 -12.39 -5.00 -1.53
C ILE A 59 -13.87 -4.65 -1.40
N PRO A 60 -14.57 -5.34 -0.50
CA PRO A 60 -16.01 -5.15 -0.25
C PRO A 60 -16.49 -3.70 -0.16
N HIS A 61 -17.53 -3.40 -0.93
CA HIS A 61 -18.15 -2.07 -0.94
C HIS A 61 -17.33 -0.95 -1.60
N PHE A 62 -16.07 -1.24 -1.94
CA PHE A 62 -15.24 -0.22 -2.57
C PHE A 62 -15.85 0.29 -3.88
N SER A 63 -16.08 -0.63 -4.81
CA SER A 63 -16.65 -0.31 -6.12
C SER A 63 -18.06 0.26 -6.06
N GLU A 64 -18.68 0.20 -4.89
CA GLU A 64 -20.03 0.70 -4.72
C GLU A 64 -19.99 2.20 -4.45
N LEU A 65 -18.81 2.72 -4.16
CA LEU A 65 -18.67 4.15 -3.93
C LEU A 65 -18.66 4.85 -5.28
N PRO A 66 -19.03 6.15 -5.33
CA PRO A 66 -19.05 6.87 -6.60
C PRO A 66 -17.66 6.90 -7.22
N LEU A 67 -17.58 6.62 -8.52
CA LEU A 67 -16.31 6.59 -9.24
C LEU A 67 -15.30 7.64 -8.80
N ASP A 68 -15.77 8.86 -8.55
CA ASP A 68 -14.90 9.95 -8.13
C ASP A 68 -14.22 9.71 -6.80
N ASP A 69 -14.96 9.24 -5.81
CA ASP A 69 -14.38 8.96 -4.50
C ASP A 69 -13.44 7.76 -4.61
N GLN A 70 -13.69 6.90 -5.59
CA GLN A 70 -12.84 5.74 -5.79
C GLN A 70 -11.48 6.25 -6.30
N VAL A 71 -11.51 7.28 -7.12
CA VAL A 71 -10.27 7.86 -7.66
C VAL A 71 -9.50 8.57 -6.56
N ILE A 72 -10.23 9.32 -5.74
CA ILE A 72 -9.65 10.07 -4.62
C ILE A 72 -8.97 9.15 -3.60
N LEU A 73 -9.64 8.06 -3.27
CA LEU A 73 -9.08 7.13 -2.31
C LEU A 73 -7.80 6.46 -2.82
N LEU A 74 -7.81 6.01 -4.07
CA LEU A 74 -6.63 5.36 -4.65
C LEU A 74 -5.46 6.30 -4.85
N ARG A 75 -5.73 7.49 -5.37
CA ARG A 75 -4.67 8.47 -5.59
C ARG A 75 -4.07 8.95 -4.26
N ALA A 76 -4.88 8.90 -3.21
CA ALA A 76 -4.47 9.32 -1.87
C ALA A 76 -3.66 8.27 -1.11
N GLY A 77 -3.85 6.98 -1.41
CA GLY A 77 -3.12 5.96 -0.67
C GLY A 77 -2.28 4.96 -1.45
N TRP A 78 -2.29 5.07 -2.77
CA TRP A 78 -1.54 4.15 -3.60
C TRP A 78 -0.11 3.90 -3.09
N ASN A 79 0.58 4.97 -2.70
CA ASN A 79 1.94 4.82 -2.23
C ASN A 79 2.06 4.02 -0.96
N GLU A 80 1.24 4.32 0.04
CA GLU A 80 1.27 3.57 1.29
C GLU A 80 0.79 2.15 1.00
N LEU A 81 -0.19 2.01 0.11
CA LEU A 81 -0.71 0.67 -0.21
C LEU A 81 0.37 -0.22 -0.85
N LEU A 82 1.09 0.33 -1.81
CA LEU A 82 2.15 -0.40 -2.48
C LEU A 82 3.34 -0.67 -1.56
N ILE A 83 3.69 0.31 -0.74
CA ILE A 83 4.82 0.12 0.17
C ILE A 83 4.54 -1.01 1.16
N ALA A 84 3.32 -1.04 1.70
CA ALA A 84 2.92 -2.05 2.67
C ALA A 84 3.03 -3.42 2.04
N SER A 85 2.59 -3.52 0.79
CA SER A 85 2.64 -4.78 0.05
C SER A 85 4.03 -5.34 -0.20
N PHE A 86 4.91 -4.56 -0.85
CA PHE A 86 6.23 -5.11 -1.10
C PHE A 86 7.03 -5.33 0.19
N SER A 87 6.71 -4.59 1.25
CA SER A 87 7.41 -4.76 2.52
C SER A 87 7.07 -6.13 3.13
N HIS A 88 5.78 -6.44 3.19
CA HIS A 88 5.33 -7.71 3.75
C HIS A 88 5.86 -8.85 2.88
N ARG A 89 5.99 -8.55 1.60
CA ARG A 89 6.52 -9.52 0.66
C ARG A 89 8.04 -9.69 0.85
N SER A 90 8.67 -8.79 1.61
CA SER A 90 10.13 -8.85 1.81
C SER A 90 10.59 -9.42 3.15
N ILE A 91 9.65 -9.98 3.92
CA ILE A 91 9.96 -10.55 5.23
C ILE A 91 11.03 -11.63 5.19
N ALA A 92 10.87 -12.59 4.28
CA ALA A 92 11.83 -13.67 4.15
C ALA A 92 13.17 -13.18 3.63
N VAL A 93 13.13 -12.09 2.86
CA VAL A 93 14.35 -11.51 2.29
C VAL A 93 15.35 -11.08 3.35
N LYS A 94 16.64 -11.18 3.01
CA LYS A 94 17.71 -10.78 3.94
C LYS A 94 17.65 -9.28 4.19
N ASP A 95 18.62 -8.53 3.68
CA ASP A 95 18.64 -7.08 3.88
C ASP A 95 18.25 -6.40 2.58
N GLY A 96 16.96 -6.39 2.29
CA GLY A 96 16.48 -5.78 1.06
C GLY A 96 15.01 -6.08 0.81
N ILE A 97 14.54 -5.76 -0.39
CA ILE A 97 13.15 -6.03 -0.73
C ILE A 97 13.01 -6.78 -2.03
N LEU A 98 11.87 -7.43 -2.19
CA LEU A 98 11.55 -8.18 -3.39
C LEU A 98 10.51 -7.37 -4.18
N LEU A 99 10.86 -7.01 -5.42
CA LEU A 99 9.95 -6.25 -6.27
C LEU A 99 8.99 -7.18 -6.97
N ALA A 100 7.81 -6.68 -7.33
CA ALA A 100 6.79 -7.49 -8.02
C ALA A 100 7.33 -8.04 -9.33
N THR A 101 8.33 -7.36 -9.89
CA THR A 101 8.96 -7.78 -11.14
C THR A 101 9.88 -8.99 -10.92
N GLY A 102 10.00 -9.45 -9.68
CA GLY A 102 10.87 -10.58 -9.38
C GLY A 102 12.32 -10.16 -9.17
N LEU A 103 12.54 -8.86 -8.99
CA LEU A 103 13.88 -8.32 -8.77
C LEU A 103 14.15 -8.05 -7.29
N HIS A 104 15.42 -8.17 -6.89
CA HIS A 104 15.77 -7.92 -5.52
C HIS A 104 16.63 -6.69 -5.38
N VAL A 105 16.24 -5.81 -4.47
CA VAL A 105 16.99 -4.59 -4.20
C VAL A 105 17.61 -4.74 -2.80
N HIS A 106 18.92 -4.96 -2.77
CA HIS A 106 19.65 -5.11 -1.53
C HIS A 106 19.90 -3.75 -0.89
N ARG A 107 19.98 -3.72 0.43
CA ARG A 107 20.25 -2.52 1.22
C ARG A 107 21.47 -1.72 0.68
N ASN A 108 22.57 -2.42 0.36
CA ASN A 108 23.77 -1.77 -0.16
C ASN A 108 23.52 -1.13 -1.53
N SER A 109 22.78 -1.82 -2.38
CA SER A 109 22.44 -1.32 -3.69
C SER A 109 21.65 0.00 -3.59
N ALA A 110 20.65 0.04 -2.70
CA ALA A 110 19.85 1.24 -2.50
C ALA A 110 20.76 2.39 -2.02
N HIS A 111 21.69 2.05 -1.12
CA HIS A 111 22.64 3.02 -0.58
C HIS A 111 23.50 3.61 -1.70
N SER A 112 24.01 2.76 -2.59
CA SER A 112 24.84 3.21 -3.70
C SER A 112 24.06 4.04 -4.74
N ALA A 113 22.73 4.16 -4.57
CA ALA A 113 21.91 4.92 -5.49
C ALA A 113 21.49 6.25 -4.90
N GLY A 114 21.82 6.46 -3.63
CA GLY A 114 21.45 7.68 -2.94
C GLY A 114 20.12 7.67 -2.19
N VAL A 115 19.50 6.50 -2.02
CA VAL A 115 18.22 6.41 -1.30
C VAL A 115 18.31 5.50 -0.08
N GLY A 116 19.53 5.31 0.42
CA GLY A 116 19.75 4.45 1.57
C GLY A 116 18.93 4.76 2.82
N ALA A 117 18.82 6.04 3.15
CA ALA A 117 18.08 6.49 4.33
C ALA A 117 16.62 6.00 4.35
N ILE A 118 15.85 6.34 3.31
CA ILE A 118 14.46 5.91 3.22
C ILE A 118 14.39 4.38 3.20
N PHE A 119 15.29 3.76 2.45
CA PHE A 119 15.35 2.31 2.33
C PHE A 119 15.56 1.65 3.70
N ASP A 120 16.38 2.28 4.55
CA ASP A 120 16.63 1.77 5.91
C ASP A 120 15.36 1.88 6.78
N ARG A 121 14.65 2.99 6.69
CA ARG A 121 13.41 3.19 7.43
C ARG A 121 12.40 2.07 7.04
N VAL A 122 12.33 1.76 5.74
CA VAL A 122 11.45 0.72 5.27
C VAL A 122 11.80 -0.64 5.89
N LEU A 123 13.09 -0.96 5.91
CA LEU A 123 13.56 -2.21 6.49
C LEU A 123 13.42 -2.23 8.01
N THR A 124 13.71 -1.11 8.65
CA THR A 124 13.64 -1.01 10.11
C THR A 124 12.24 -0.85 10.71
N GLU A 125 11.44 0.04 10.13
CA GLU A 125 10.13 0.31 10.65
C GLU A 125 9.00 -0.54 10.09
N LEU A 126 9.19 -1.07 8.88
CA LEU A 126 8.17 -1.88 8.25
C LEU A 126 8.49 -3.37 8.07
N VAL A 127 9.45 -3.69 7.21
CA VAL A 127 9.82 -5.09 6.93
C VAL A 127 10.15 -5.91 8.17
N SER A 128 11.09 -5.41 8.97
CA SER A 128 11.50 -6.08 10.20
C SER A 128 10.37 -6.23 11.22
N LYS A 129 9.56 -5.19 11.38
CA LYS A 129 8.47 -5.24 12.35
C LYS A 129 7.42 -6.23 11.91
N MET A 130 7.23 -6.37 10.61
CA MET A 130 6.26 -7.32 10.10
C MET A 130 6.76 -8.75 10.34
N ARG A 131 8.04 -8.95 10.07
CA ARG A 131 8.69 -10.25 10.25
C ARG A 131 8.73 -10.64 11.72
N ASP A 132 8.93 -9.66 12.60
CA ASP A 132 9.00 -9.95 14.02
C ASP A 132 7.68 -10.43 14.65
N MET A 133 6.58 -9.80 14.27
CA MET A 133 5.28 -10.18 14.81
C MET A 133 4.57 -11.23 13.93
N GLN A 134 5.22 -11.64 12.86
CA GLN A 134 4.66 -12.64 11.94
C GLN A 134 3.30 -12.21 11.39
N MET A 135 3.21 -10.97 10.94
CA MET A 135 1.98 -10.44 10.38
C MET A 135 1.54 -11.32 9.21
N ASP A 136 0.33 -11.86 9.27
CA ASP A 136 -0.15 -12.72 8.20
C ASP A 136 -0.81 -11.93 7.07
N LYS A 137 -1.17 -12.62 6.00
CA LYS A 137 -1.81 -12.00 4.85
C LYS A 137 -3.19 -11.37 5.13
N THR A 138 -3.95 -11.99 6.02
CA THR A 138 -5.27 -11.46 6.38
C THR A 138 -5.07 -10.11 7.05
N GLU A 139 -4.07 -10.03 7.92
CA GLU A 139 -3.76 -8.80 8.63
C GLU A 139 -3.29 -7.70 7.68
N LEU A 140 -2.39 -8.06 6.76
CA LEU A 140 -1.86 -7.14 5.77
C LEU A 140 -3.03 -6.53 5.01
N GLY A 141 -3.90 -7.43 4.55
CA GLY A 141 -5.08 -7.05 3.78
C GLY A 141 -5.93 -5.99 4.45
N CYS A 142 -6.26 -6.26 5.72
CA CYS A 142 -7.10 -5.37 6.50
C CYS A 142 -6.45 -4.01 6.67
N LEU A 143 -5.15 -4.00 6.95
CA LEU A 143 -4.41 -2.78 7.13
C LEU A 143 -4.44 -1.97 5.84
N ARG A 144 -4.22 -2.63 4.71
CA ARG A 144 -4.26 -1.96 3.42
C ARG A 144 -5.69 -1.46 3.16
N ALA A 145 -6.67 -2.25 3.60
CA ALA A 145 -8.07 -1.87 3.43
C ALA A 145 -8.38 -0.63 4.26
N ILE A 146 -7.77 -0.53 5.43
CA ILE A 146 -7.96 0.63 6.29
C ILE A 146 -7.31 1.87 5.64
N VAL A 147 -6.12 1.67 5.07
CA VAL A 147 -5.44 2.76 4.41
C VAL A 147 -6.28 3.22 3.23
N LEU A 148 -6.77 2.28 2.43
CA LEU A 148 -7.59 2.58 1.26
C LEU A 148 -8.79 3.46 1.66
N PHE A 149 -9.47 3.05 2.72
CA PHE A 149 -10.61 3.77 3.21
C PHE A 149 -10.22 4.93 4.12
N ASN A 150 -9.47 5.89 3.56
CA ASN A 150 -9.01 7.06 4.30
C ASN A 150 -10.07 8.16 4.27
N PRO A 151 -10.79 8.34 5.39
CA PRO A 151 -11.85 9.35 5.49
C PRO A 151 -11.36 10.79 5.44
N ASP A 152 -10.05 10.98 5.60
CA ASP A 152 -9.44 12.31 5.56
C ASP A 152 -9.12 12.78 4.13
N SER A 153 -9.21 11.88 3.15
CA SER A 153 -8.93 12.22 1.75
C SER A 153 -9.78 13.43 1.35
N LYS A 154 -9.12 14.49 0.87
CA LYS A 154 -9.80 15.71 0.48
C LYS A 154 -10.63 15.51 -0.79
N GLY A 155 -11.81 16.11 -0.83
CA GLY A 155 -12.67 15.98 -2.00
C GLY A 155 -13.76 14.93 -1.93
N LEU A 156 -13.67 14.06 -0.92
CA LEU A 156 -14.67 13.02 -0.76
C LEU A 156 -16.08 13.58 -0.73
N SER A 157 -16.96 13.00 -1.55
CA SER A 157 -18.35 13.45 -1.61
C SER A 157 -19.08 13.00 -0.37
N ASN A 158 -18.57 11.96 0.28
CA ASN A 158 -19.20 11.45 1.49
C ASN A 158 -18.15 10.84 2.42
N PRO A 159 -17.33 11.67 3.07
CA PRO A 159 -16.29 11.17 3.97
C PRO A 159 -16.84 10.28 5.10
N ALA A 160 -18.02 10.62 5.59
CA ALA A 160 -18.67 9.89 6.67
C ALA A 160 -18.87 8.42 6.28
N GLU A 161 -19.27 8.20 5.03
CA GLU A 161 -19.48 6.84 4.51
C GLU A 161 -18.14 6.08 4.46
N VAL A 162 -17.08 6.76 4.02
CA VAL A 162 -15.76 6.16 3.92
C VAL A 162 -15.29 5.79 5.31
N GLU A 163 -15.62 6.65 6.26
CA GLU A 163 -15.26 6.41 7.65
C GLU A 163 -15.95 5.15 8.16
N ALA A 164 -17.24 5.01 7.86
CA ALA A 164 -18.02 3.84 8.27
C ALA A 164 -17.37 2.56 7.75
N LEU A 165 -16.92 2.56 6.50
CA LEU A 165 -16.26 1.38 5.96
C LEU A 165 -14.95 1.06 6.72
N ARG A 166 -14.18 2.09 7.07
CA ARG A 166 -12.93 1.89 7.79
C ARG A 166 -13.18 1.21 9.14
N GLU A 167 -14.23 1.64 9.82
CA GLU A 167 -14.57 1.08 11.12
C GLU A 167 -15.01 -0.39 11.01
N LYS A 168 -15.66 -0.75 9.90
CA LYS A 168 -16.09 -2.14 9.72
C LYS A 168 -14.89 -3.01 9.44
N VAL A 169 -13.87 -2.42 8.83
CA VAL A 169 -12.67 -3.17 8.52
C VAL A 169 -11.85 -3.51 9.76
N TYR A 170 -11.54 -2.52 10.58
CA TYR A 170 -10.74 -2.83 11.75
C TYR A 170 -11.54 -3.54 12.83
N ALA A 171 -12.86 -3.50 12.72
CA ALA A 171 -13.73 -4.18 13.67
C ALA A 171 -13.58 -5.68 13.34
N SER A 172 -13.56 -6.01 12.05
CA SER A 172 -13.40 -7.39 11.62
C SER A 172 -11.97 -7.86 11.89
N LEU A 173 -11.00 -6.96 11.73
CA LEU A 173 -9.59 -7.29 11.94
C LEU A 173 -9.38 -7.67 13.40
N GLU A 174 -9.91 -6.86 14.30
CA GLU A 174 -9.79 -7.14 15.72
C GLU A 174 -10.43 -8.48 16.06
N ALA A 175 -11.54 -8.79 15.39
CA ALA A 175 -12.23 -10.05 15.58
C ALA A 175 -11.31 -11.16 15.07
N TYR A 176 -10.74 -10.98 13.89
CA TYR A 176 -9.82 -11.99 13.34
C TYR A 176 -8.74 -12.28 14.37
N CYS A 177 -8.16 -11.20 14.90
CA CYS A 177 -7.13 -11.28 15.95
C CYS A 177 -7.91 -11.68 17.21
N LYS A 178 -7.21 -11.91 18.32
CA LYS A 178 -7.89 -12.30 19.56
C LYS A 178 -8.46 -13.71 19.41
N HIS A 179 -8.97 -14.02 18.21
CA HIS A 179 -9.52 -15.33 17.91
C HIS A 179 -8.43 -16.24 17.37
N LYS A 180 -7.60 -15.71 16.49
CA LYS A 180 -6.50 -16.49 15.93
C LYS A 180 -5.25 -16.34 16.78
N TYR A 181 -5.16 -15.23 17.49
CA TYR A 181 -4.01 -14.99 18.36
C TYR A 181 -4.53 -14.60 19.73
N PRO A 182 -5.25 -15.51 20.39
CA PRO A 182 -5.81 -15.26 21.72
C PRO A 182 -4.74 -14.91 22.74
N GLU A 183 -3.56 -15.50 22.57
CA GLU A 183 -2.45 -15.26 23.51
C GLU A 183 -1.76 -13.91 23.32
N GLN A 184 -2.19 -13.15 22.32
CA GLN A 184 -1.61 -11.84 22.05
C GLN A 184 -2.71 -10.76 22.05
N PRO A 185 -3.16 -10.38 23.24
CA PRO A 185 -4.21 -9.37 23.41
C PRO A 185 -3.86 -7.98 22.87
N GLY A 186 -2.58 -7.74 22.60
CA GLY A 186 -2.17 -6.45 22.08
C GLY A 186 -1.80 -6.46 20.60
N ARG A 187 -2.12 -7.54 19.90
CA ARG A 187 -1.76 -7.64 18.50
C ARG A 187 -2.50 -6.66 17.60
N PHE A 188 -3.79 -6.47 17.88
CA PHE A 188 -4.64 -5.56 17.14
C PHE A 188 -4.06 -4.15 17.13
N ALA A 189 -3.74 -3.63 18.31
CA ALA A 189 -3.17 -2.29 18.44
C ALA A 189 -1.76 -2.20 17.81
N LYS A 190 -1.00 -3.30 17.90
CA LYS A 190 0.32 -3.37 17.35
C LYS A 190 0.28 -3.23 15.82
N LEU A 191 -0.72 -3.85 15.19
CA LEU A 191 -0.87 -3.75 13.75
C LEU A 191 -1.21 -2.30 13.38
N LEU A 192 -2.20 -1.73 14.07
CA LEU A 192 -2.63 -0.38 13.81
C LEU A 192 -1.49 0.62 14.03
N LEU A 193 -0.59 0.31 14.96
CA LEU A 193 0.51 1.22 15.23
C LEU A 193 1.68 1.22 14.25
N ARG A 194 1.51 0.61 13.08
CA ARG A 194 2.54 0.68 12.06
C ARG A 194 2.06 1.67 11.00
N LEU A 195 0.81 2.12 11.14
CA LEU A 195 0.26 3.07 10.16
C LEU A 195 0.97 4.41 10.20
N PRO A 196 1.27 4.92 11.40
CA PRO A 196 1.97 6.18 11.51
C PRO A 196 3.30 6.10 10.75
N ALA A 197 3.99 4.97 10.85
CA ALA A 197 5.28 4.76 10.17
C ALA A 197 5.06 4.66 8.64
N LEU A 198 4.02 3.92 8.25
CA LEU A 198 3.68 3.79 6.85
C LEU A 198 3.34 5.15 6.25
N ARG A 199 2.58 5.96 6.99
CA ARG A 199 2.21 7.31 6.54
C ARG A 199 3.49 8.18 6.36
N SER A 200 4.40 8.11 7.31
CA SER A 200 5.65 8.87 7.28
C SER A 200 6.57 8.41 6.15
N ILE A 201 6.75 7.10 6.04
CA ILE A 201 7.59 6.56 5.00
C ILE A 201 6.94 6.80 3.63
N GLY A 202 5.62 6.75 3.60
CA GLY A 202 4.90 6.97 2.35
C GLY A 202 5.10 8.38 1.83
N LEU A 203 5.16 9.34 2.74
CA LEU A 203 5.34 10.73 2.38
C LEU A 203 6.76 11.02 1.89
N LYS A 204 7.74 10.33 2.47
CA LYS A 204 9.12 10.54 2.07
C LYS A 204 9.38 9.93 0.68
N CYS A 205 8.81 8.76 0.42
CA CYS A 205 9.02 8.14 -0.88
C CYS A 205 8.46 9.03 -1.97
N LEU A 206 7.34 9.67 -1.68
CA LEU A 206 6.71 10.55 -2.66
C LEU A 206 7.62 11.72 -2.97
N GLU A 207 8.19 12.34 -1.93
CA GLU A 207 9.12 13.46 -2.11
C GLU A 207 10.24 13.05 -3.07
N HIS A 208 10.84 11.89 -2.84
CA HIS A 208 11.90 11.37 -3.70
C HIS A 208 11.43 11.26 -5.16
N LEU A 209 10.23 10.71 -5.34
CA LEU A 209 9.64 10.52 -6.66
C LEU A 209 9.46 11.85 -7.39
N PHE A 210 8.96 12.86 -6.68
CA PHE A 210 8.80 14.18 -7.27
C PHE A 210 10.16 14.73 -7.66
N PHE A 211 11.18 14.44 -6.86
CA PHE A 211 12.52 14.89 -7.19
C PHE A 211 13.04 14.19 -8.44
N PHE A 212 12.83 12.88 -8.53
CA PHE A 212 13.29 12.10 -9.68
C PHE A 212 12.67 12.65 -10.96
N LYS A 213 11.40 13.06 -10.88
CA LYS A 213 10.68 13.61 -12.02
C LYS A 213 11.30 14.95 -12.41
N LEU A 214 11.51 15.82 -11.42
CA LEU A 214 12.11 17.12 -11.63
C LEU A 214 13.47 16.98 -12.33
N ILE A 215 14.34 16.15 -11.78
CA ILE A 215 15.67 15.92 -12.33
C ILE A 215 15.65 15.37 -13.75
N GLY A 216 14.54 14.73 -14.12
CA GLY A 216 14.43 14.21 -15.47
C GLY A 216 15.03 12.84 -15.66
N ASP A 217 16.03 12.47 -14.86
CA ASP A 217 16.62 11.15 -15.00
C ASP A 217 15.68 10.11 -14.40
N THR A 218 15.96 8.84 -14.67
CA THR A 218 15.11 7.76 -14.15
C THR A 218 13.76 7.74 -14.86
N PRO A 219 13.56 6.79 -15.77
CA PRO A 219 12.30 6.69 -16.51
C PRO A 219 11.08 6.48 -15.59
N ILE A 220 9.98 7.14 -15.94
CA ILE A 220 8.74 7.03 -15.18
C ILE A 220 7.60 6.76 -16.16
N ASP A 221 6.92 5.64 -15.99
CA ASP A 221 5.82 5.25 -16.86
C ASP A 221 4.55 6.05 -16.65
N THR A 222 3.64 5.91 -17.62
CA THR A 222 2.39 6.66 -17.64
C THR A 222 1.54 6.66 -16.39
N PHE A 223 1.34 5.48 -15.82
CA PHE A 223 0.49 5.37 -14.65
C PHE A 223 1.11 6.03 -13.42
N LEU A 224 2.39 5.78 -13.22
CA LEU A 224 3.10 6.35 -12.09
C LEU A 224 3.13 7.87 -12.30
N MET A 225 3.46 8.27 -13.53
CA MET A 225 3.49 9.68 -13.89
C MET A 225 2.14 10.35 -13.60
N GLU A 226 1.05 9.67 -13.95
CA GLU A 226 -0.30 10.18 -13.70
C GLU A 226 -0.58 10.45 -12.21
N MET A 227 -0.06 9.57 -11.35
CA MET A 227 -0.25 9.72 -9.92
C MET A 227 0.47 10.97 -9.39
N LEU A 228 1.49 11.42 -10.12
CA LEU A 228 2.22 12.60 -9.75
C LEU A 228 1.52 13.87 -10.27
N GLU A 229 0.40 13.69 -10.99
CA GLU A 229 -0.37 14.82 -11.53
C GLU A 229 -1.13 15.51 -10.41
N ALA A 230 -1.63 16.71 -10.70
CA ALA A 230 -2.39 17.47 -9.72
C ALA A 230 -3.81 16.93 -9.63
N PRO A 231 -4.43 17.03 -8.43
CA PRO A 231 -3.85 17.62 -7.21
C PRO A 231 -2.72 16.77 -6.58
N LYS B 1 -8.93 14.78 -16.00
CA LYS B 1 -7.60 14.26 -15.57
C LYS B 1 -7.72 12.81 -15.09
N HIS B 2 -6.57 12.20 -14.77
CA HIS B 2 -6.52 10.82 -14.31
C HIS B 2 -7.14 9.86 -15.32
N LYS B 3 -6.75 9.99 -16.59
CA LYS B 3 -7.24 9.14 -17.67
C LYS B 3 -7.18 7.64 -17.38
N ILE B 4 -5.97 7.14 -17.18
CA ILE B 4 -5.72 5.72 -16.89
C ILE B 4 -6.55 5.20 -15.72
N LEU B 5 -6.49 5.88 -14.59
CA LEU B 5 -7.24 5.46 -13.41
C LEU B 5 -8.74 5.29 -13.67
N HIS B 6 -9.39 6.28 -14.27
CA HIS B 6 -10.82 6.18 -14.57
C HIS B 6 -11.15 5.00 -15.49
N ARG B 7 -10.38 4.85 -16.56
CA ARG B 7 -10.60 3.76 -17.50
C ARG B 7 -10.53 2.40 -16.82
N LEU B 8 -9.55 2.19 -15.94
CA LEU B 8 -9.38 0.92 -15.22
C LEU B 8 -10.48 0.67 -14.20
N LEU B 9 -10.88 1.72 -13.49
CA LEU B 9 -11.92 1.60 -12.47
C LEU B 9 -13.29 1.30 -13.08
N GLN B 10 -13.51 1.85 -14.26
CA GLN B 10 -14.79 1.68 -14.96
C GLN B 10 -14.99 0.32 -15.59
N ASP B 11 -13.93 -0.24 -16.18
CA ASP B 11 -14.03 -1.53 -16.84
C ASP B 11 -14.64 -2.60 -15.92
#